data_3G23
#
_entry.id   3G23
#
_cell.length_a   43.628
_cell.length_b   91.042
_cell.length_c   145.744
_cell.angle_alpha   90.000
_cell.angle_beta   90.000
_cell.angle_gamma   90.000
#
_symmetry.space_group_name_H-M   'P 21 21 21'
#
loop_
_entity.id
_entity.type
_entity.pdbx_description
1 polymer 'LD-carboxypeptidase A'
2 non-polymer 'SULFATE ION'
3 non-polymer GLYCEROL
4 non-polymer 'UNKNOWN LIGAND'
5 water water
#
_entity_poly.entity_id   1
_entity_poly.type   'polypeptide(L)'
_entity_poly.pdbx_seq_one_letter_code
;G(MSE)TRRIAICAPSTPFTREDSARVIALAAAEFPDLSLSFHEQCFASEGHFAGSDALRLSAFLECANDDAFEAVWFVR
GGYGANRIAEDALARLGRAASAKQYLGYSDAGTLLAALYAHRIGRSVHAP(MSE)PVDIRRPEGESAVRRTLGWLAGARE
GLEPTLGAGAPAVAFNL(MSE)TLA(MSE)LCGTRLLPDLSGHVV(MSE)IEEVAEHHYAVDRLLFHVTSCLADAGIAGL
RLGRVSDVPENDRPFGCSVEE(MSE)ARHWCHRAGIAFLGTADIGHDVDNRIVPFGLA
;
_entity_poly.pdbx_strand_id   A,B
#
loop_
_chem_comp.id
_chem_comp.type
_chem_comp.name
_chem_comp.formula
GOL non-polymer GLYCEROL 'C3 H8 O3'
SO4 non-polymer 'SULFATE ION' 'O4 S -2'
UNL non-polymer 'UNKNOWN LIGAND' ?
#
# COMPACT_ATOMS: atom_id res chain seq x y z
N GLY A 1 -8.87 44.54 7.18
CA GLY A 1 -9.79 44.56 8.32
C GLY A 1 -10.84 43.45 8.33
N MSE A 2 -11.13 42.79 7.22
CA MSE A 2 -12.19 41.77 7.28
C MSE A 2 -11.64 40.53 7.98
O MSE A 2 -10.61 40.02 7.62
CB MSE A 2 -12.75 41.42 5.90
CG MSE A 2 -13.83 40.36 5.96
SE MSE A 2 -14.85 40.15 4.30
CE MSE A 2 -14.79 38.45 4.19
N THR A 3 -12.33 40.07 9.01
CA THR A 3 -11.79 39.01 9.85
C THR A 3 -12.23 37.62 9.34
N ARG A 4 -11.57 36.59 9.81
CA ARG A 4 -11.86 35.22 9.42
C ARG A 4 -11.49 34.26 10.53
N ARG A 5 -12.40 33.33 10.81
CA ARG A 5 -12.18 32.38 11.90
C ARG A 5 -11.92 30.99 11.32
N ILE A 6 -10.84 30.36 11.78
CA ILE A 6 -10.42 29.00 11.36
C ILE A 6 -10.42 28.00 12.53
N ALA A 7 -11.14 26.90 12.34
CA ALA A 7 -11.19 25.77 13.29
C ALA A 7 -10.08 24.74 12.93
N ILE A 8 -9.41 24.24 13.98
CA ILE A 8 -8.38 23.24 13.83
C ILE A 8 -8.70 22.00 14.65
N CYS A 9 -8.57 20.84 14.00
CA CYS A 9 -8.89 19.52 14.64
C CYS A 9 -7.90 18.45 14.19
N ALA A 10 -7.94 17.28 14.85
CA ALA A 10 -6.91 16.23 14.59
C ALA A 10 -7.60 14.97 14.05
N PRO A 11 -7.83 14.89 12.73
CA PRO A 11 -8.56 13.73 12.20
C PRO A 11 -7.83 12.39 12.35
N SER A 12 -6.50 12.43 12.61
CA SER A 12 -5.74 11.23 12.84
C SER A 12 -4.86 11.31 14.09
N THR A 13 -3.70 11.96 13.98
CA THR A 13 -2.66 11.97 15.01
C THR A 13 -2.57 13.31 15.77
N PRO A 14 -2.05 13.29 17.00
CA PRO A 14 -2.17 14.46 17.86
C PRO A 14 -1.11 15.54 17.74
N PHE A 15 -1.50 16.75 18.14
CA PHE A 15 -0.59 17.90 18.26
C PHE A 15 -0.29 18.14 19.74
N THR A 16 0.54 19.16 20.03
CA THR A 16 0.87 19.57 21.37
C THR A 16 0.55 21.04 21.58
N ARG A 17 0.26 21.39 22.82
CA ARG A 17 -0.19 22.75 23.16
C ARG A 17 0.86 23.84 22.90
N GLU A 18 2.11 23.57 23.27
CA GLU A 18 3.17 24.54 23.06
C GLU A 18 3.36 24.87 21.58
N ASP A 19 3.27 23.87 20.70
CA ASP A 19 3.35 24.13 19.27
C ASP A 19 2.12 24.86 18.72
N SER A 20 0.91 24.56 19.24
CA SER A 20 -0.23 25.38 18.88
C SER A 20 -0.02 26.84 19.33
N ALA A 21 0.58 27.07 20.51
CA ALA A 21 0.85 28.45 20.99
C ALA A 21 1.73 29.19 20.01
N ARG A 22 2.69 28.48 19.42
CA ARG A 22 3.61 29.04 18.42
C ARG A 22 2.91 29.48 17.15
N VAL A 23 2.00 28.63 16.70
CA VAL A 23 1.21 28.94 15.52
C VAL A 23 0.29 30.16 15.79
N ILE A 24 -0.35 30.18 16.97
CA ILE A 24 -1.22 31.28 17.36
CA ILE A 24 -1.21 31.29 17.37
C ILE A 24 -0.45 32.61 17.37
N ALA A 25 0.79 32.59 17.89
CA ALA A 25 1.63 33.79 17.97
C ALA A 25 2.03 34.31 16.62
N LEU A 26 2.37 33.41 15.70
CA LEU A 26 2.76 33.76 14.33
C LEU A 26 1.60 34.44 13.64
N ALA A 27 0.42 33.83 13.71
CA ALA A 27 -0.78 34.40 13.12
C ALA A 27 -1.14 35.76 13.74
N ALA A 28 -1.03 35.88 15.06
CA ALA A 28 -1.34 37.13 15.76
C ALA A 28 -0.48 38.28 15.21
N ALA A 29 0.80 38.00 14.99
CA ALA A 29 1.78 39.00 14.52
C ALA A 29 1.66 39.34 13.02
N GLU A 30 1.42 38.32 12.21
CA GLU A 30 1.55 38.42 10.76
C GLU A 30 0.20 38.45 10.03
N PHE A 31 -0.82 37.88 10.63
CA PHE A 31 -2.17 37.88 10.04
C PHE A 31 -3.16 38.26 11.12
N PRO A 32 -3.13 39.52 11.53
CA PRO A 32 -3.93 39.95 12.66
C PRO A 32 -5.46 39.85 12.49
N ASP A 33 -5.96 39.77 11.26
CA ASP A 33 -7.41 39.56 11.04
C ASP A 33 -7.87 38.09 11.09
N LEU A 34 -6.92 37.16 11.08
CA LEU A 34 -7.28 35.76 11.25
C LEU A 34 -7.41 35.45 12.73
N SER A 35 -8.29 34.52 13.05
CA SER A 35 -8.46 34.02 14.40
C SER A 35 -8.43 32.49 14.40
N LEU A 36 -7.50 31.90 15.15
CA LEU A 36 -7.38 30.43 15.17
C LEU A 36 -8.02 29.79 16.42
N SER A 37 -8.86 28.77 16.22
CA SER A 37 -9.44 27.99 17.32
C SER A 37 -9.05 26.53 17.21
N PHE A 38 -8.08 26.10 18.02
CA PHE A 38 -7.68 24.69 18.13
C PHE A 38 -8.68 23.98 19.01
N HIS A 39 -9.43 23.03 18.46
CA HIS A 39 -10.28 22.15 19.24
C HIS A 39 -9.44 21.42 20.26
N GLU A 40 -9.99 21.26 21.46
CA GLU A 40 -9.30 20.50 22.53
C GLU A 40 -8.82 19.10 22.10
N GLN A 41 -9.56 18.49 21.17
CA GLN A 41 -9.29 17.17 20.63
C GLN A 41 -7.98 17.10 19.84
N CYS A 42 -7.46 18.24 19.37
CA CYS A 42 -6.07 18.32 18.81
C CYS A 42 -5.03 17.70 19.75
N PHE A 43 -5.27 17.82 21.04
CA PHE A 43 -4.26 17.50 22.08
C PHE A 43 -4.51 16.18 22.84
N ALA A 44 -5.61 15.50 22.52
CA ALA A 44 -5.94 14.17 23.01
C ALA A 44 -4.92 13.17 22.45
N SER A 45 -4.57 12.19 23.26
CA SER A 45 -3.74 11.11 22.79
C SER A 45 -4.13 9.78 23.40
N GLU A 46 -4.22 8.77 22.53
CA GLU A 46 -4.29 7.39 22.97
C GLU A 46 -3.11 6.59 22.43
N GLY A 47 -2.02 7.29 22.15
CA GLY A 47 -0.86 6.72 21.48
C GLY A 47 -0.72 7.20 20.06
N HIS A 48 -1.03 6.33 19.10
CA HIS A 48 -0.99 6.68 17.72
C HIS A 48 -2.00 7.81 17.44
N PHE A 49 -3.24 7.62 17.92
CA PHE A 49 -4.36 8.47 17.54
C PHE A 49 -4.66 9.57 18.54
N ALA A 50 -5.24 10.65 18.01
CA ALA A 50 -5.69 11.77 18.86
C ALA A 50 -7.10 11.47 19.40
N GLY A 51 -7.19 10.43 20.22
CA GLY A 51 -8.44 9.96 20.76
C GLY A 51 -9.05 8.84 19.94
N SER A 52 -10.12 8.27 20.45
CA SER A 52 -10.82 7.20 19.73
C SER A 52 -11.42 7.68 18.41
N ASP A 53 -11.77 6.75 17.52
CA ASP A 53 -12.46 7.13 16.28
C ASP A 53 -13.71 7.97 16.56
N ALA A 54 -14.50 7.62 17.58
CA ALA A 54 -15.68 8.44 17.93
C ALA A 54 -15.34 9.90 18.32
N LEU A 55 -14.24 10.10 19.05
CA LEU A 55 -13.84 11.43 19.47
C LEU A 55 -13.31 12.25 18.28
N ARG A 56 -12.48 11.64 17.45
CA ARG A 56 -11.98 12.33 16.25
C ARG A 56 -13.12 12.71 15.33
N LEU A 57 -14.04 11.78 15.10
CA LEU A 57 -15.23 12.04 14.26
C LEU A 57 -16.04 13.20 14.84
N SER A 58 -16.32 13.11 16.14
CA SER A 58 -17.07 14.13 16.85
C SER A 58 -16.47 15.55 16.73
N ALA A 59 -15.17 15.68 16.97
CA ALA A 59 -14.50 16.96 16.89
C ALA A 59 -14.53 17.52 15.46
N PHE A 60 -14.35 16.66 14.46
CA PHE A 60 -14.36 17.11 13.08
C PHE A 60 -15.73 17.66 12.71
N LEU A 61 -16.78 16.91 13.04
CA LEU A 61 -18.13 17.36 12.76
C LEU A 61 -18.50 18.65 13.51
N GLU A 62 -18.02 18.78 14.74
CA GLU A 62 -18.19 20.02 15.52
C GLU A 62 -17.59 21.22 14.84
N CYS A 63 -16.39 21.08 14.33
CA CYS A 63 -15.76 22.12 13.52
C CYS A 63 -16.47 22.36 12.21
N ALA A 64 -16.73 21.29 11.48
CA ALA A 64 -17.22 21.38 10.11
C ALA A 64 -18.60 21.98 10.07
N ASN A 65 -19.44 21.65 11.05
CA ASN A 65 -20.84 22.06 11.07
C ASN A 65 -21.14 23.38 11.82
N ASP A 66 -20.10 23.99 12.36
CA ASP A 66 -20.20 25.26 13.05
C ASP A 66 -19.97 26.41 12.04
N ASP A 67 -20.99 27.22 11.78
N ASP A 67 -21.01 27.22 11.83
CA ASP A 67 -20.83 28.29 10.80
CA ASP A 67 -20.96 28.36 10.92
C ASP A 67 -20.09 29.52 11.38
C ASP A 67 -20.01 29.45 11.36
N ALA A 68 -19.66 29.46 12.64
CA ALA A 68 -18.66 30.43 13.15
C ALA A 68 -17.32 30.32 12.43
N PHE A 69 -17.06 29.23 11.70
CA PHE A 69 -15.76 29.04 11.05
C PHE A 69 -15.87 28.98 9.54
N GLU A 70 -14.92 29.62 8.84
CA GLU A 70 -14.89 29.65 7.36
C GLU A 70 -13.99 28.54 6.81
N ALA A 71 -13.18 27.95 7.69
CA ALA A 71 -12.26 26.88 7.34
C ALA A 71 -12.11 25.87 8.48
N VAL A 72 -11.80 24.63 8.09
CA VAL A 72 -11.27 23.59 8.99
C VAL A 72 -9.85 23.25 8.47
N TRP A 73 -8.85 23.44 9.32
CA TRP A 73 -7.47 23.20 9.00
C TRP A 73 -7.02 21.97 9.81
N PHE A 74 -6.67 20.89 9.10
CA PHE A 74 -6.31 19.64 9.76
C PHE A 74 -4.93 19.81 10.40
N VAL A 75 -4.80 19.51 11.67
CA VAL A 75 -3.60 19.86 12.44
C VAL A 75 -2.33 19.08 12.10
N ARG A 76 -2.54 17.81 11.72
CA ARG A 76 -1.51 16.84 11.48
C ARG A 76 -2.05 15.72 10.59
N GLY A 77 -1.20 15.07 9.80
CA GLY A 77 -1.65 14.08 8.81
C GLY A 77 -0.92 12.74 8.84
N GLY A 78 -0.76 12.18 10.03
CA GLY A 78 -0.36 10.78 10.16
C GLY A 78 -1.55 9.89 9.83
N TYR A 79 -1.29 8.60 9.71
CA TYR A 79 -2.35 7.64 9.37
C TYR A 79 -3.55 7.72 10.30
N GLY A 80 -4.76 7.70 9.70
CA GLY A 80 -5.93 7.43 10.48
C GLY A 80 -7.22 8.12 10.14
N ALA A 81 -7.21 9.08 9.22
CA ALA A 81 -8.44 9.80 8.89
C ALA A 81 -9.46 8.90 8.18
N ASN A 82 -9.02 7.78 7.59
CA ASN A 82 -9.94 6.80 6.96
C ASN A 82 -10.96 6.19 7.93
N ARG A 83 -10.64 6.26 9.23
CA ARG A 83 -11.55 5.74 10.27
C ARG A 83 -12.67 6.72 10.68
N ILE A 84 -12.65 7.94 10.14
CA ILE A 84 -13.75 8.88 10.38
C ILE A 84 -14.45 9.38 9.07
N ALA A 85 -13.81 9.22 7.92
CA ALA A 85 -14.24 9.94 6.69
C ALA A 85 -15.63 9.51 6.20
N GLU A 86 -15.85 8.22 6.09
CA GLU A 86 -17.14 7.73 5.62
C GLU A 86 -18.29 8.13 6.55
N ASP A 87 -18.11 7.92 7.85
CA ASP A 87 -19.11 8.30 8.83
C ASP A 87 -19.34 9.82 8.85
N ALA A 88 -18.27 10.60 8.66
CA ALA A 88 -18.39 12.08 8.64
C ALA A 88 -19.31 12.57 7.51
N LEU A 89 -19.21 11.99 6.31
CA LEU A 89 -19.95 12.40 5.13
C LEU A 89 -21.43 12.28 5.37
N ALA A 90 -21.85 11.27 6.13
CA ALA A 90 -23.25 11.05 6.41
C ALA A 90 -23.83 12.06 7.40
N ARG A 91 -22.98 12.82 8.07
CA ARG A 91 -23.42 13.68 9.15
C ARG A 91 -23.03 15.15 8.95
N LEU A 92 -22.62 15.54 7.75
CA LEU A 92 -22.27 16.94 7.47
C LEU A 92 -23.55 17.72 7.16
N GLY A 93 -23.66 18.92 7.73
CA GLY A 93 -24.78 19.81 7.49
C GLY A 93 -24.52 20.89 6.44
N ARG A 94 -25.45 21.81 6.29
CA ARG A 94 -25.36 22.90 5.32
C ARG A 94 -24.12 23.75 5.59
N ALA A 95 -23.84 24.08 6.84
CA ALA A 95 -22.65 24.88 7.14
C ALA A 95 -21.42 24.30 6.52
N ALA A 96 -21.37 22.96 6.37
CA ALA A 96 -20.13 22.32 6.00
C ALA A 96 -19.79 22.61 4.53
N SER A 97 -20.80 22.86 3.70
CA SER A 97 -20.57 23.22 2.30
C SER A 97 -20.08 24.66 2.10
N ALA A 98 -20.15 25.47 3.14
CA ALA A 98 -19.74 26.89 3.07
C ALA A 98 -18.35 27.09 3.63
N LYS A 99 -17.59 26.03 3.72
CA LYS A 99 -16.25 26.05 4.29
C LYS A 99 -15.19 25.52 3.33
N GLN A 100 -13.94 25.84 3.63
CA GLN A 100 -12.80 25.18 3.03
C GLN A 100 -12.05 24.32 4.04
N TYR A 101 -11.41 23.27 3.53
CA TYR A 101 -10.77 22.24 4.35
C TYR A 101 -9.35 22.12 3.85
N LEU A 102 -8.38 22.26 4.74
CA LEU A 102 -6.97 22.37 4.36
C LEU A 102 -6.04 21.40 5.10
N GLY A 103 -5.24 20.66 4.36
CA GLY A 103 -4.03 19.99 4.95
C GLY A 103 -3.37 19.14 3.91
N TYR A 104 -2.52 18.20 4.30
CA TYR A 104 -1.88 17.27 3.35
C TYR A 104 -1.64 15.88 4.01
N SER A 105 -0.96 14.97 3.32
CA SER A 105 -0.63 13.65 3.84
C SER A 105 -1.91 12.89 4.07
N ASP A 106 -2.07 12.16 5.18
CA ASP A 106 -3.32 11.38 5.42
C ASP A 106 -4.60 12.22 5.40
N ALA A 107 -4.49 13.50 5.77
CA ALA A 107 -5.65 14.42 5.73
C ALA A 107 -6.27 14.53 4.34
N GLY A 108 -5.44 14.23 3.33
CA GLY A 108 -5.88 14.03 1.95
C GLY A 108 -7.04 13.07 1.82
N THR A 109 -7.17 12.11 2.76
CA THR A 109 -8.34 11.23 2.80
C THR A 109 -9.63 12.03 2.91
N LEU A 110 -9.65 13.01 3.82
CA LEU A 110 -10.77 13.94 3.99
C LEU A 110 -10.92 14.91 2.79
N LEU A 111 -9.81 15.44 2.30
CA LEU A 111 -9.84 16.28 1.09
C LEU A 111 -10.51 15.56 -0.05
N ALA A 112 -10.15 14.28 -0.23
CA ALA A 112 -10.69 13.46 -1.30
C ALA A 112 -12.17 13.25 -1.11
N ALA A 113 -12.55 12.83 0.09
CA ALA A 113 -13.94 12.47 0.33
C ALA A 113 -14.83 13.68 0.17
N LEU A 114 -14.39 14.84 0.64
CA LEU A 114 -15.24 16.07 0.53
C LEU A 114 -15.33 16.52 -0.93
N TYR A 115 -14.21 16.40 -1.64
CA TYR A 115 -14.20 16.77 -3.03
C TYR A 115 -15.06 15.83 -3.88
N ALA A 116 -15.10 14.53 -3.53
CA ALA A 116 -15.91 13.53 -4.25
C ALA A 116 -17.38 13.83 -4.19
N HIS A 117 -17.80 14.59 -3.18
CA HIS A 117 -19.17 15.00 -3.04
C HIS A 117 -19.36 16.51 -3.25
N ARG A 118 -18.29 17.24 -3.57
CA ARG A 118 -18.37 18.70 -3.81
C ARG A 118 -18.85 19.43 -2.56
N ILE A 119 -18.28 19.06 -1.42
CA ILE A 119 -18.64 19.71 -0.16
C ILE A 119 -17.59 20.78 0.16
N GLY A 120 -17.96 22.05 0.04
CA GLY A 120 -17.01 23.13 0.33
C GLY A 120 -15.90 23.16 -0.68
N ARG A 121 -14.68 23.43 -0.22
CA ARG A 121 -13.48 23.46 -1.07
C ARG A 121 -12.39 22.67 -0.35
N SER A 122 -11.76 21.73 -1.05
CA SER A 122 -10.67 20.93 -0.53
C SER A 122 -9.39 21.56 -0.98
N VAL A 123 -8.44 21.73 -0.07
CA VAL A 123 -7.19 22.42 -0.41
C VAL A 123 -6.03 21.70 0.21
N HIS A 124 -5.08 21.23 -0.62
CA HIS A 124 -3.81 20.71 -0.20
C HIS A 124 -2.92 21.90 0.24
N ALA A 125 -2.48 21.90 1.47
CA ALA A 125 -1.77 23.06 2.01
C ALA A 125 -0.95 22.65 3.22
N PRO A 126 0.16 23.38 3.50
CA PRO A 126 0.81 23.13 4.78
C PRO A 126 -0.09 23.12 6.01
N MSE A 127 0.37 22.38 7.03
CA MSE A 127 -0.41 22.11 8.24
C MSE A 127 0.23 22.76 9.46
O MSE A 127 1.43 23.04 9.42
CB MSE A 127 -0.59 20.57 8.42
CG MSE A 127 -1.76 19.99 7.62
SE MSE A 127 -2.06 18.15 7.87
CE MSE A 127 -0.23 17.61 7.73
N PRO A 128 -0.54 23.02 10.55
CA PRO A 128 0.08 23.54 11.77
C PRO A 128 1.34 22.77 12.24
N VAL A 129 1.34 21.43 12.08
CA VAL A 129 2.49 20.61 12.50
C VAL A 129 3.81 20.99 11.79
N ASP A 130 3.71 21.62 10.62
CA ASP A 130 4.92 22.08 9.91
C ASP A 130 5.73 23.10 10.70
N ILE A 131 5.16 23.69 11.77
CA ILE A 131 5.90 24.61 12.64
C ILE A 131 7.11 23.91 13.25
N ARG A 132 7.03 22.58 13.33
CA ARG A 132 8.10 21.77 13.92
C ARG A 132 9.31 21.60 13.02
N ARG A 133 9.16 21.83 11.71
CA ARG A 133 10.28 21.76 10.80
C ARG A 133 11.23 22.93 10.98
N PRO A 134 12.48 22.72 10.63
CA PRO A 134 13.43 23.81 10.50
C PRO A 134 12.85 24.78 9.47
N GLU A 135 12.78 26.07 9.80
CA GLU A 135 12.18 27.10 8.91
C GLU A 135 10.70 26.86 8.65
N GLY A 136 10.03 26.19 9.60
CA GLY A 136 8.65 25.75 9.39
C GLY A 136 7.60 26.86 9.41
N GLU A 137 7.96 28.00 9.99
CA GLU A 137 7.18 29.24 9.94
C GLU A 137 6.89 29.59 8.48
N SER A 138 7.87 29.37 7.58
CA SER A 138 7.66 29.60 6.14
C SER A 138 6.51 28.78 5.56
N ALA A 139 6.33 27.54 6.01
CA ALA A 139 5.20 26.73 5.55
C ALA A 139 3.88 27.17 6.15
N VAL A 140 3.89 27.34 7.46
CA VAL A 140 2.70 27.79 8.19
C VAL A 140 2.21 29.17 7.68
N ARG A 141 3.12 30.10 7.43
CA ARG A 141 2.73 31.40 6.87
C ARG A 141 2.20 31.34 5.44
N ARG A 142 2.59 30.31 4.69
CA ARG A 142 1.98 30.08 3.39
C ARG A 142 0.48 29.81 3.47
N THR A 143 0.07 28.85 4.31
CA THR A 143 -1.37 28.58 4.52
C THR A 143 -2.13 29.74 5.16
N LEU A 144 -1.54 30.38 6.18
CA LEU A 144 -2.16 31.56 6.78
C LEU A 144 -2.34 32.68 5.74
N GLY A 145 -1.37 32.89 4.87
CA GLY A 145 -1.50 33.89 3.81
C GLY A 145 -2.64 33.57 2.89
N TRP A 146 -2.73 32.31 2.48
CA TRP A 146 -3.86 31.79 1.66
C TRP A 146 -5.20 32.08 2.35
N LEU A 147 -5.27 31.82 3.65
CA LEU A 147 -6.53 32.02 4.38
C LEU A 147 -6.86 33.52 4.47
N ALA A 148 -5.82 34.35 4.45
CA ALA A 148 -5.96 35.79 4.47
C ALA A 148 -6.21 36.37 3.08
N GLY A 149 -6.31 35.52 2.06
CA GLY A 149 -6.64 35.98 0.73
C GLY A 149 -5.51 36.06 -0.27
N ALA A 150 -4.26 35.80 0.14
CA ALA A 150 -3.13 35.79 -0.81
C ALA A 150 -3.17 34.57 -1.72
N ARG A 151 -2.69 34.75 -2.94
CA ARG A 151 -2.58 33.64 -3.95
C ARG A 151 -1.14 33.26 -4.35
N GLU A 152 -0.16 33.94 -3.78
CA GLU A 152 1.26 33.69 -4.06
C GLU A 152 1.70 32.25 -3.77
N GLY A 153 1.05 31.59 -2.83
CA GLY A 153 1.40 30.22 -2.43
C GLY A 153 0.90 29.09 -3.31
N LEU A 154 0.05 29.40 -4.29
CA LEU A 154 -0.42 28.38 -5.24
C LEU A 154 0.76 27.75 -5.95
N GLU A 155 0.66 26.43 -6.17
CA GLU A 155 1.66 25.67 -6.89
C GLU A 155 1.74 26.32 -8.29
N PRO A 156 2.97 26.62 -8.77
CA PRO A 156 3.12 27.50 -9.95
C PRO A 156 2.62 26.99 -11.30
N THR A 157 2.33 25.70 -11.44
CA THR A 157 1.75 25.14 -12.68
C THR A 157 0.24 25.35 -12.76
N LEU A 158 -0.36 25.78 -11.66
CA LEU A 158 -1.80 25.94 -11.61
C LEU A 158 -2.19 27.18 -12.38
N GLY A 159 -3.30 27.11 -13.10
CA GLY A 159 -3.79 28.24 -13.88
C GLY A 159 -4.58 27.84 -15.10
N ALA A 162 -6.43 22.56 -16.90
CA ALA A 162 -6.74 21.25 -16.30
C ALA A 162 -6.84 21.34 -14.78
N PRO A 163 -7.99 20.95 -14.21
CA PRO A 163 -8.17 20.95 -12.77
C PRO A 163 -7.18 19.99 -12.11
N ALA A 164 -6.77 20.26 -10.87
CA ALA A 164 -5.72 19.52 -10.20
C ALA A 164 -6.21 18.94 -8.86
N VAL A 165 -5.58 17.85 -8.45
CA VAL A 165 -5.66 17.34 -7.07
C VAL A 165 -4.22 17.10 -6.74
N ALA A 166 -3.91 17.10 -5.44
CA ALA A 166 -2.59 16.74 -4.90
C ALA A 166 -2.76 15.73 -3.76
N PHE A 167 -2.00 14.63 -3.81
CA PHE A 167 -2.06 13.59 -2.78
C PHE A 167 -0.69 13.10 -2.41
N ASN A 168 -0.56 12.72 -1.16
CA ASN A 168 0.54 11.84 -0.74
C ASN A 168 0.34 10.48 -1.47
N LEU A 169 1.41 9.89 -1.97
CA LEU A 169 1.33 8.71 -2.82
C LEU A 169 0.70 7.48 -2.08
N MSE A 170 1.15 7.23 -0.86
CA MSE A 170 0.58 6.15 -0.04
CA MSE A 170 0.57 6.17 -0.03
C MSE A 170 -0.93 6.34 0.20
O MSE A 170 -1.70 5.38 0.15
CB MSE A 170 1.28 6.03 1.31
CB MSE A 170 1.23 6.13 1.33
CG MSE A 170 0.61 5.09 2.33
CG MSE A 170 2.29 5.13 1.49
SE MSE A 170 0.95 3.27 1.82
SE MSE A 170 2.16 4.39 3.27
CE MSE A 170 2.78 3.25 2.07
CE MSE A 170 3.23 2.93 2.89
N THR A 171 -1.33 7.57 0.48
CA THR A 171 -2.73 7.89 0.74
C THR A 171 -3.55 7.64 -0.47
N LEU A 172 -3.06 8.07 -1.63
CA LEU A 172 -3.78 7.81 -2.90
C LEU A 172 -3.91 6.31 -3.19
N ALA A 173 -2.84 5.57 -2.96
CA ALA A 173 -2.86 4.12 -3.17
C ALA A 173 -3.97 3.51 -2.31
N MSE A 174 -4.11 3.97 -1.06
CA MSE A 174 -5.14 3.44 -0.12
C MSE A 174 -6.54 3.79 -0.63
O MSE A 174 -7.46 3.02 -0.51
CB MSE A 174 -4.92 4.07 1.25
CG MSE A 174 -5.77 3.55 2.35
SE MSE A 174 -5.78 4.76 3.88
CE MSE A 174 -6.51 6.46 3.05
N LEU A 175 -6.66 5.00 -1.21
CA LEU A 175 -7.95 5.54 -1.66
C LEU A 175 -8.43 4.92 -2.97
N CYS A 176 -7.51 4.41 -3.80
CA CYS A 176 -7.86 3.77 -5.08
C CYS A 176 -8.83 2.61 -4.86
N GLY A 177 -9.87 2.54 -5.65
CA GLY A 177 -10.82 1.45 -5.54
C GLY A 177 -11.83 1.62 -4.42
N THR A 178 -11.73 2.71 -3.66
CA THR A 178 -12.70 3.03 -2.63
C THR A 178 -13.65 4.12 -3.08
N ARG A 179 -14.75 4.22 -2.36
CA ARG A 179 -15.79 5.23 -2.59
C ARG A 179 -15.36 6.63 -2.12
N LEU A 180 -14.20 6.76 -1.46
CA LEU A 180 -13.69 8.07 -1.03
C LEU A 180 -12.91 8.84 -2.12
N LEU A 181 -12.53 8.17 -3.21
CA LEU A 181 -11.78 8.81 -4.28
C LEU A 181 -12.75 9.54 -5.20
N PRO A 182 -12.45 10.82 -5.51
CA PRO A 182 -13.26 11.51 -6.51
C PRO A 182 -13.01 11.01 -7.90
N ASP A 183 -13.90 11.35 -8.83
CA ASP A 183 -13.67 11.09 -10.24
C ASP A 183 -12.52 12.03 -10.69
N LEU A 184 -11.41 11.42 -11.09
CA LEU A 184 -10.19 12.16 -11.46
C LEU A 184 -10.05 12.33 -12.99
N SER A 185 -11.07 11.95 -13.74
N SER A 185 -11.10 11.96 -13.71
CA SER A 185 -11.01 12.15 -15.16
CA SER A 185 -11.16 12.21 -15.13
C SER A 185 -10.80 13.64 -15.46
C SER A 185 -10.81 13.68 -15.44
N GLY A 186 -9.94 13.91 -16.43
CA GLY A 186 -9.57 15.24 -16.77
C GLY A 186 -8.71 16.04 -15.80
N HIS A 187 -8.35 15.45 -14.65
CA HIS A 187 -7.52 16.12 -13.66
C HIS A 187 -6.04 15.79 -13.78
N VAL A 188 -5.21 16.77 -13.45
CA VAL A 188 -3.79 16.53 -13.11
C VAL A 188 -3.68 16.01 -11.69
N VAL A 189 -3.04 14.86 -11.56
CA VAL A 189 -2.84 14.25 -10.26
C VAL A 189 -1.38 14.45 -9.85
N MSE A 190 -1.15 15.28 -8.83
CA MSE A 190 0.19 15.56 -8.30
C MSE A 190 0.46 14.68 -7.09
O MSE A 190 -0.41 14.54 -6.21
CB MSE A 190 0.32 17.02 -7.89
CG MSE A 190 -0.08 18.02 -8.95
SE MSE A 190 0.12 19.81 -8.24
CE MSE A 190 0.06 20.74 -9.79
N ILE A 191 1.65 14.08 -7.02
CA ILE A 191 1.97 13.19 -5.90
C ILE A 191 3.28 13.55 -5.19
N GLU A 192 3.39 13.17 -3.92
CA GLU A 192 4.61 13.32 -3.11
C GLU A 192 4.66 12.14 -2.14
N GLU A 193 5.82 11.89 -1.56
CA GLU A 193 5.95 10.79 -0.62
C GLU A 193 7.07 11.08 0.36
N VAL A 194 7.01 10.48 1.55
CA VAL A 194 8.07 10.63 2.55
C VAL A 194 8.36 9.30 3.26
N ALA A 195 9.62 9.08 3.64
CA ALA A 195 10.02 7.98 4.52
C ALA A 195 9.71 6.57 3.99
N GLU A 196 9.73 6.41 2.66
CA GLU A 196 9.48 5.11 2.02
C GLU A 196 10.71 4.67 1.26
N HIS A 197 11.02 3.38 1.34
CA HIS A 197 12.09 2.78 0.57
C HIS A 197 11.81 2.99 -0.90
N HIS A 198 12.86 3.02 -1.70
CA HIS A 198 12.66 3.09 -3.14
C HIS A 198 11.78 1.93 -3.68
N TYR A 199 11.99 0.69 -3.23
CA TYR A 199 11.12 -0.40 -3.72
C TYR A 199 9.65 -0.19 -3.34
N ALA A 200 9.42 0.46 -2.19
CA ALA A 200 8.08 0.82 -1.74
C ALA A 200 7.47 1.92 -2.59
N VAL A 201 8.28 2.92 -2.97
CA VAL A 201 7.81 3.95 -3.94
C VAL A 201 7.48 3.29 -5.29
N ASP A 202 8.31 2.35 -5.76
CA ASP A 202 8.02 1.62 -6.99
C ASP A 202 6.70 0.86 -6.88
N ARG A 203 6.51 0.16 -5.78
CA ARG A 203 5.30 -0.63 -5.53
C ARG A 203 4.01 0.20 -5.55
N LEU A 204 4.08 1.34 -4.85
CA LEU A 204 3.00 2.33 -4.85
C LEU A 204 2.69 2.92 -6.23
N LEU A 205 3.74 3.30 -6.97
CA LEU A 205 3.57 3.80 -8.34
C LEU A 205 2.93 2.73 -9.23
N PHE A 206 3.37 1.47 -9.10
CA PHE A 206 2.76 0.41 -9.91
C PHE A 206 1.25 0.32 -9.67
N HIS A 207 0.90 0.33 -8.39
CA HIS A 207 -0.48 0.21 -7.95
C HIS A 207 -1.32 1.41 -8.42
N VAL A 208 -0.87 2.62 -8.12
CA VAL A 208 -1.66 3.82 -8.44
C VAL A 208 -1.81 3.99 -9.97
N THR A 209 -0.72 3.84 -10.72
CA THR A 209 -0.80 3.97 -12.19
C THR A 209 -1.71 2.88 -12.78
N SER A 210 -1.63 1.64 -12.26
CA SER A 210 -2.51 0.55 -12.71
C SER A 210 -4.00 0.88 -12.47
N CYS A 211 -4.28 1.38 -11.28
CA CYS A 211 -5.63 1.73 -10.91
C CYS A 211 -6.24 2.89 -11.69
N LEU A 212 -5.41 3.88 -12.03
CA LEU A 212 -5.87 5.08 -12.72
C LEU A 212 -5.78 4.98 -14.26
N ALA A 213 -5.24 3.87 -14.77
CA ALA A 213 -5.07 3.68 -16.24
C ALA A 213 -6.34 3.94 -17.02
N ASP A 214 -7.48 3.52 -16.47
CA ASP A 214 -8.77 3.60 -17.17
C ASP A 214 -9.62 4.81 -16.71
N ALA A 215 -9.03 5.67 -15.89
CA ALA A 215 -9.75 6.78 -15.22
C ALA A 215 -9.81 8.04 -16.06
N GLY A 216 -9.05 8.07 -17.14
CA GLY A 216 -8.98 9.23 -18.03
C GLY A 216 -8.36 10.49 -17.43
N ILE A 217 -7.33 10.35 -16.61
CA ILE A 217 -6.78 11.54 -15.96
C ILE A 217 -6.00 12.33 -16.99
N ALA A 218 -5.77 13.61 -16.71
CA ALA A 218 -5.03 14.47 -17.64
C ALA A 218 -3.57 14.06 -17.65
N GLY A 219 -3.07 13.67 -16.50
CA GLY A 219 -1.72 13.16 -16.37
C GLY A 219 -1.23 13.27 -14.96
N LEU A 220 0.01 12.85 -14.76
CA LEU A 220 0.61 12.80 -13.46
C LEU A 220 1.76 13.80 -13.36
N ARG A 221 1.88 14.47 -12.21
CA ARG A 221 3.05 15.31 -11.89
C ARG A 221 3.71 14.76 -10.65
N LEU A 222 5.03 14.76 -10.66
CA LEU A 222 5.79 14.17 -9.59
C LEU A 222 6.35 15.26 -8.69
N GLY A 223 5.84 15.31 -7.45
CA GLY A 223 6.39 16.15 -6.43
C GLY A 223 7.56 15.47 -5.74
N ARG A 224 7.90 15.94 -4.56
CA ARG A 224 9.12 15.50 -3.89
C ARG A 224 8.94 14.20 -3.10
N VAL A 225 9.90 13.30 -3.29
CA VAL A 225 9.93 12.00 -2.59
C VAL A 225 11.18 12.06 -1.71
N SER A 226 10.98 11.97 -0.40
CA SER A 226 11.98 12.37 0.57
C SER A 226 12.11 11.41 1.77
N ASP A 227 13.15 11.67 2.57
CA ASP A 227 13.52 10.83 3.72
CA ASP A 227 13.49 10.84 3.74
C ASP A 227 13.60 9.36 3.35
N VAL A 228 14.16 9.09 2.16
CA VAL A 228 14.29 7.71 1.68
C VAL A 228 15.36 7.02 2.54
N PRO A 229 15.02 5.87 3.17
CA PRO A 229 16.06 5.13 3.92
C PRO A 229 17.32 4.95 3.11
N GLU A 230 18.47 5.00 3.78
CA GLU A 230 19.75 5.10 3.09
C GLU A 230 20.61 3.82 3.07
N ASN A 231 20.18 2.78 3.78
CA ASN A 231 20.96 1.54 3.85
C ASN A 231 20.44 0.37 2.99
N ASP A 232 19.67 0.68 1.94
CA ASP A 232 19.20 -0.34 0.99
C ASP A 232 20.21 -0.58 -0.12
N ARG A 233 20.16 -1.77 -0.72
CA ARG A 233 20.92 -2.00 -1.94
C ARG A 233 20.40 -1.10 -3.04
N PRO A 234 21.25 -0.80 -4.04
CA PRO A 234 20.77 0.02 -5.14
C PRO A 234 19.47 -0.52 -5.78
N PHE A 235 18.46 0.34 -5.93
CA PHE A 235 17.22 -0.11 -6.56
C PHE A 235 17.39 -0.34 -8.08
N GLY A 236 18.12 0.56 -8.71
CA GLY A 236 18.46 0.41 -10.12
C GLY A 236 18.07 1.57 -11.01
N CYS A 237 17.25 2.47 -10.49
CA CYS A 237 16.82 3.64 -11.23
C CYS A 237 16.23 4.68 -10.26
N SER A 238 16.08 5.91 -10.76
CA SER A 238 15.63 7.03 -9.95
C SER A 238 14.13 6.95 -9.76
N VAL A 239 13.59 7.66 -8.79
CA VAL A 239 12.16 7.75 -8.57
C VAL A 239 11.43 8.31 -9.81
N GLU A 240 12.01 9.31 -10.47
CA GLU A 240 11.38 9.84 -11.69
C GLU A 240 11.36 8.79 -12.80
N GLU A 241 12.45 8.07 -12.97
CA GLU A 241 12.44 6.94 -13.92
C GLU A 241 11.33 5.90 -13.62
N MSE A 242 11.11 5.57 -12.34
CA MSE A 242 10.03 4.67 -11.95
C MSE A 242 8.67 5.24 -12.34
O MSE A 242 7.86 4.55 -12.88
CB MSE A 242 10.03 4.42 -10.43
CG MSE A 242 11.25 3.75 -9.80
SE MSE A 242 11.00 3.83 -7.85
CE MSE A 242 12.75 4.07 -7.34
N ALA A 243 8.41 6.50 -12.03
CA ALA A 243 7.15 7.13 -12.33
C ALA A 243 6.88 7.15 -13.84
N ARG A 244 7.89 7.56 -14.63
CA ARG A 244 7.77 7.55 -16.09
C ARG A 244 7.52 6.16 -16.68
N HIS A 245 8.24 5.18 -16.16
CA HIS A 245 8.07 3.78 -16.57
C HIS A 245 6.62 3.32 -16.37
N TRP A 246 6.07 3.51 -15.16
CA TRP A 246 4.73 3.04 -14.87
C TRP A 246 3.64 3.86 -15.58
N CYS A 247 3.84 5.18 -15.69
CA CYS A 247 2.96 6.04 -16.51
C CYS A 247 2.93 5.61 -17.98
N HIS A 248 4.09 5.31 -18.53
CA HIS A 248 4.09 4.77 -19.89
C HIS A 248 3.28 3.49 -20.02
N ARG A 249 3.47 2.55 -19.11
CA ARG A 249 2.77 1.28 -19.19
C ARG A 249 1.27 1.46 -19.08
N ALA A 250 0.84 2.41 -18.26
CA ALA A 250 -0.56 2.64 -17.99
C ALA A 250 -1.20 3.56 -19.02
N GLY A 251 -0.40 4.19 -19.86
CA GLY A 251 -0.92 5.15 -20.81
C GLY A 251 -1.34 6.46 -20.17
N ILE A 252 -0.64 6.86 -19.10
CA ILE A 252 -0.90 8.08 -18.37
C ILE A 252 0.19 9.08 -18.76
N ALA A 253 -0.21 10.29 -19.17
CA ALA A 253 0.77 11.31 -19.52
C ALA A 253 1.55 11.72 -18.26
N PHE A 254 2.86 11.78 -18.41
CA PHE A 254 3.74 12.30 -17.38
C PHE A 254 3.92 13.78 -17.72
N LEU A 255 3.36 14.64 -16.87
CA LEU A 255 3.29 16.07 -17.15
C LEU A 255 4.48 16.85 -16.62
N GLY A 256 5.32 16.23 -15.80
CA GLY A 256 6.50 16.91 -15.26
C GLY A 256 6.45 16.89 -13.75
N THR A 257 7.01 17.92 -13.11
CA THR A 257 7.11 17.94 -11.67
C THR A 257 6.07 18.86 -11.00
N ALA A 258 5.95 18.72 -9.68
CA ALA A 258 5.11 19.58 -8.84
C ALA A 258 5.90 20.06 -7.63
N ASP A 259 5.54 21.24 -7.16
CA ASP A 259 6.24 21.88 -6.05
C ASP A 259 5.45 21.58 -4.78
N ILE A 260 5.38 20.29 -4.47
CA ILE A 260 4.76 19.77 -3.25
C ILE A 260 5.67 18.72 -2.60
N GLY A 261 5.50 18.52 -1.30
CA GLY A 261 6.31 17.54 -0.59
C GLY A 261 6.15 17.68 0.92
N HIS A 262 6.78 16.79 1.68
CA HIS A 262 6.78 16.88 3.13
C HIS A 262 7.94 17.79 3.49
N ASP A 263 7.77 19.10 3.29
CA ASP A 263 8.84 20.07 3.46
C ASP A 263 8.24 21.47 3.58
N VAL A 264 9.06 22.43 3.92
CA VAL A 264 8.56 23.79 4.16
C VAL A 264 8.21 24.54 2.88
N ASP A 265 8.61 24.00 1.71
CA ASP A 265 8.32 24.62 0.40
C ASP A 265 7.05 24.13 -0.26
N ASN A 266 6.37 23.23 0.41
CA ASN A 266 5.11 22.64 -0.07
C ASN A 266 4.11 23.74 -0.45
N ARG A 267 3.66 23.71 -1.70
CA ARG A 267 2.78 24.73 -2.24
C ARG A 267 1.29 24.35 -2.13
N ILE A 268 0.44 25.36 -2.31
CA ILE A 268 -0.99 25.18 -2.15
C ILE A 268 -1.65 24.69 -3.44
N VAL A 269 -2.50 23.69 -3.31
CA VAL A 269 -3.22 23.09 -4.45
C VAL A 269 -4.69 22.89 -4.09
N PRO A 270 -5.54 23.85 -4.51
CA PRO A 270 -6.99 23.65 -4.37
C PRO A 270 -7.50 22.60 -5.33
N PHE A 271 -8.33 21.69 -4.83
CA PHE A 271 -8.77 20.55 -5.60
C PHE A 271 -9.80 21.09 -6.60
N GLY A 272 -9.54 20.83 -7.87
CA GLY A 272 -10.35 21.30 -8.95
C GLY A 272 -9.76 22.60 -9.43
N GLY B 1 9.62 -44.20 -7.32
CA GLY B 1 10.49 -44.54 -8.47
C GLY B 1 10.46 -43.38 -9.46
N MSE B 2 9.30 -42.83 -9.74
CA MSE B 2 9.18 -41.87 -10.85
C MSE B 2 9.79 -40.49 -10.53
O MSE B 2 9.45 -39.85 -9.54
CB MSE B 2 7.73 -41.75 -11.29
CG MSE B 2 7.52 -40.73 -12.36
SE MSE B 2 5.65 -40.59 -12.88
CE MSE B 2 5.14 -39.35 -11.78
N THR B 3 10.71 -40.05 -11.38
CA THR B 3 11.42 -38.82 -11.11
CA THR B 3 11.42 -38.81 -11.16
C THR B 3 10.52 -37.61 -11.38
N ARG B 4 10.62 -36.61 -10.50
CA ARG B 4 9.88 -35.36 -10.60
C ARG B 4 10.89 -34.22 -10.63
N ARG B 5 10.86 -33.44 -11.71
N ARG B 5 10.90 -33.47 -11.73
CA ARG B 5 11.86 -32.40 -11.92
CA ARG B 5 11.86 -32.39 -11.94
C ARG B 5 11.28 -31.01 -11.69
C ARG B 5 11.25 -31.03 -11.64
N ILE B 6 11.93 -30.26 -10.81
CA ILE B 6 11.46 -28.95 -10.38
C ILE B 6 12.48 -27.89 -10.76
N ALA B 7 12.04 -26.85 -11.46
CA ALA B 7 12.93 -25.73 -11.79
C ALA B 7 12.72 -24.62 -10.77
N ILE B 8 13.79 -23.94 -10.38
CA ILE B 8 13.75 -22.87 -9.40
C ILE B 8 14.31 -21.61 -10.05
N CYS B 9 13.55 -20.52 -9.98
CA CYS B 9 14.01 -19.23 -10.48
C CYS B 9 13.73 -18.11 -9.48
N ALA B 10 14.28 -16.92 -9.75
CA ALA B 10 14.18 -15.79 -8.81
C ALA B 10 13.44 -14.61 -9.45
N PRO B 11 12.13 -14.60 -9.35
CA PRO B 11 11.33 -13.54 -9.98
C PRO B 11 11.52 -12.12 -9.44
N SER B 12 12.06 -11.98 -8.22
CA SER B 12 12.36 -10.68 -7.64
C SER B 12 13.79 -10.62 -7.09
N THR B 13 13.98 -11.19 -5.90
CA THR B 13 15.27 -11.05 -5.16
C THR B 13 16.03 -12.34 -5.21
N PRO B 14 17.38 -12.26 -5.06
CA PRO B 14 18.22 -13.42 -5.27
C PRO B 14 18.50 -14.34 -4.08
N PHE B 15 19.06 -15.50 -4.41
CA PHE B 15 19.39 -16.55 -3.43
C PHE B 15 20.90 -16.65 -3.50
N THR B 16 21.50 -17.49 -2.65
CA THR B 16 22.93 -17.76 -2.66
C THR B 16 23.15 -19.26 -2.94
N ARG B 17 24.30 -19.60 -3.50
CA ARG B 17 24.60 -20.97 -3.91
C ARG B 17 24.74 -21.91 -2.72
N GLU B 18 25.33 -21.41 -1.63
CA GLU B 18 25.50 -22.20 -0.40
C GLU B 18 24.15 -22.64 0.13
N ASP B 19 23.17 -21.73 0.09
CA ASP B 19 21.83 -22.04 0.59
C ASP B 19 21.08 -22.95 -0.34
N SER B 20 21.23 -22.78 -1.65
CA SER B 20 20.73 -23.72 -2.65
C SER B 20 21.29 -25.13 -2.48
N ALA B 21 22.58 -25.25 -2.13
CA ALA B 21 23.19 -26.55 -1.90
C ALA B 21 22.51 -27.23 -0.71
N ARG B 22 22.20 -26.45 0.32
CA ARG B 22 21.52 -26.92 1.52
C ARG B 22 20.12 -27.50 1.19
N VAL B 23 19.38 -26.82 0.33
CA VAL B 23 18.04 -27.30 -0.10
C VAL B 23 18.17 -28.61 -0.88
N ILE B 24 19.08 -28.66 -1.86
CA ILE B 24 19.32 -29.85 -2.65
C ILE B 24 19.73 -31.04 -1.77
N ALA B 25 20.61 -30.78 -0.80
CA ALA B 25 21.08 -31.77 0.12
C ALA B 25 19.91 -32.35 0.93
N LEU B 26 18.96 -31.50 1.33
CA LEU B 26 17.81 -31.93 2.13
C LEU B 26 16.87 -32.83 1.28
N ALA B 27 16.64 -32.40 0.04
CA ALA B 27 15.84 -33.17 -0.90
C ALA B 27 16.49 -34.48 -1.23
N ALA B 28 17.82 -34.52 -1.32
CA ALA B 28 18.54 -35.76 -1.67
C ALA B 28 18.39 -36.81 -0.58
N ALA B 29 18.39 -36.34 0.66
CA ALA B 29 18.36 -37.21 1.84
C ALA B 29 16.95 -37.75 2.08
N GLU B 30 15.95 -36.95 1.76
CA GLU B 30 14.58 -37.24 2.17
C GLU B 30 13.59 -37.52 1.06
N PHE B 31 13.87 -37.06 -0.16
CA PHE B 31 12.94 -37.18 -1.28
C PHE B 31 13.75 -37.50 -2.49
N PRO B 32 14.29 -38.73 -2.53
CA PRO B 32 15.25 -39.09 -3.56
C PRO B 32 14.72 -39.04 -5.01
N ASP B 33 13.40 -39.09 -5.22
CA ASP B 33 12.85 -39.02 -6.57
C ASP B 33 12.65 -37.60 -7.11
N LEU B 34 12.88 -36.59 -6.27
CA LEU B 34 12.81 -35.22 -6.71
C LEU B 34 14.14 -34.82 -7.28
N SER B 35 14.10 -34.04 -8.35
CA SER B 35 15.31 -33.50 -8.95
C SER B 35 15.16 -32.00 -9.01
N LEU B 36 16.07 -31.29 -8.35
CA LEU B 36 15.93 -29.84 -8.29
C LEU B 36 16.94 -29.23 -9.26
N SER B 37 16.47 -28.26 -10.05
CA SER B 37 17.35 -27.47 -10.91
C SER B 37 17.23 -25.99 -10.58
N PHE B 38 18.24 -25.41 -9.94
CA PHE B 38 18.29 -23.95 -9.75
C PHE B 38 18.79 -23.25 -11.01
N HIS B 39 17.93 -22.47 -11.67
CA HIS B 39 18.37 -21.61 -12.75
C HIS B 39 19.53 -20.76 -12.24
N GLU B 40 20.55 -20.53 -13.05
CA GLU B 40 21.67 -19.64 -12.68
C GLU B 40 21.23 -18.22 -12.35
N GLN B 41 20.12 -17.78 -12.94
CA GLN B 41 19.57 -16.46 -12.63
C GLN B 41 19.21 -16.26 -11.12
N CYS B 42 19.02 -17.36 -10.37
CA CYS B 42 18.68 -17.34 -8.93
C CYS B 42 19.78 -16.61 -8.19
N PHE B 43 20.98 -16.65 -8.72
CA PHE B 43 22.18 -16.13 -8.06
C PHE B 43 22.65 -14.83 -8.71
N ALA B 44 21.87 -14.28 -9.64
CA ALA B 44 22.25 -12.99 -10.26
C ALA B 44 22.00 -11.87 -9.27
N SER B 45 22.74 -10.79 -9.40
CA SER B 45 22.69 -9.67 -8.46
C SER B 45 22.82 -8.31 -9.16
N GLU B 46 21.70 -7.56 -9.20
CA GLU B 46 21.65 -6.17 -9.64
C GLU B 46 21.00 -5.37 -8.50
N GLY B 47 21.82 -5.08 -7.48
CA GLY B 47 21.39 -4.45 -6.22
C GLY B 47 20.24 -5.16 -5.55
N HIS B 48 19.09 -4.51 -5.53
CA HIS B 48 17.87 -5.11 -4.96
C HIS B 48 17.46 -6.40 -5.68
N PHE B 49 17.61 -6.44 -7.00
CA PHE B 49 16.95 -7.49 -7.81
C PHE B 49 17.93 -8.60 -8.18
N ALA B 50 17.38 -9.76 -8.49
CA ALA B 50 18.15 -10.93 -9.02
C ALA B 50 18.37 -10.76 -10.53
N GLY B 51 19.12 -9.72 -10.89
CA GLY B 51 19.30 -9.34 -12.27
C GLY B 51 18.23 -8.37 -12.75
N SER B 52 18.43 -7.87 -13.97
CA SER B 52 17.48 -6.97 -14.60
C SER B 52 16.07 -7.57 -14.79
N ASP B 53 15.07 -6.70 -15.01
CA ASP B 53 13.74 -7.16 -15.31
C ASP B 53 13.79 -8.13 -16.49
N ALA B 54 14.51 -7.79 -17.57
CA ALA B 54 14.68 -8.71 -18.74
C ALA B 54 15.25 -10.09 -18.37
N LEU B 55 16.30 -10.12 -17.54
CA LEU B 55 16.93 -11.39 -17.08
C LEU B 55 15.99 -12.23 -16.25
N ARG B 56 15.31 -11.60 -15.30
CA ARG B 56 14.33 -12.29 -14.44
C ARG B 56 13.16 -12.88 -15.23
N LEU B 57 12.69 -12.11 -16.21
CA LEU B 57 11.58 -12.54 -17.07
C LEU B 57 12.02 -13.68 -17.98
N SER B 58 13.21 -13.55 -18.56
CA SER B 58 13.72 -14.59 -19.45
C SER B 58 13.90 -15.91 -18.70
N ALA B 59 14.45 -15.86 -17.48
CA ALA B 59 14.66 -17.08 -16.68
C ALA B 59 13.32 -17.72 -16.27
N PHE B 60 12.35 -16.88 -15.88
CA PHE B 60 11.02 -17.41 -15.55
C PHE B 60 10.42 -18.17 -16.73
N LEU B 61 10.45 -17.56 -17.90
CA LEU B 61 9.89 -18.16 -19.13
C LEU B 61 10.68 -19.40 -19.56
N GLU B 62 12.00 -19.39 -19.43
CA GLU B 62 12.81 -20.58 -19.68
C GLU B 62 12.40 -21.77 -18.82
N CYS B 63 12.09 -21.53 -17.55
CA CYS B 63 11.60 -22.55 -16.66
C CYS B 63 10.19 -22.99 -17.04
N ALA B 64 9.29 -22.01 -17.16
CA ALA B 64 7.88 -22.30 -17.37
C ALA B 64 7.63 -23.00 -18.69
N ASN B 65 8.40 -22.66 -19.72
CA ASN B 65 8.19 -23.15 -21.06
C ASN B 65 8.97 -24.44 -21.33
N ASP B 66 9.76 -24.90 -20.37
CA ASP B 66 10.59 -26.10 -20.57
C ASP B 66 9.80 -27.36 -20.21
N ASP B 67 9.61 -28.26 -21.16
CA ASP B 67 8.90 -29.54 -20.93
C ASP B 67 9.52 -30.47 -19.86
N ALA B 68 10.82 -30.28 -19.62
CA ALA B 68 11.56 -31.13 -18.70
C ALA B 68 11.13 -30.98 -17.25
N PHE B 69 10.38 -29.92 -16.92
CA PHE B 69 9.97 -29.69 -15.56
C PHE B 69 8.48 -29.82 -15.30
N GLU B 70 8.14 -30.33 -14.12
CA GLU B 70 6.75 -30.47 -13.72
C GLU B 70 6.30 -29.27 -12.91
N ALA B 71 7.26 -28.46 -12.43
CA ALA B 71 6.91 -27.36 -11.56
C ALA B 71 7.94 -26.26 -11.64
N VAL B 72 7.50 -25.04 -11.35
CA VAL B 72 8.41 -23.93 -11.11
C VAL B 72 8.25 -23.44 -9.66
N TRP B 73 9.35 -23.46 -8.92
CA TRP B 73 9.33 -23.09 -7.51
C TRP B 73 10.09 -21.76 -7.37
N PHE B 74 9.42 -20.72 -6.89
CA PHE B 74 10.04 -19.43 -6.73
C PHE B 74 11.00 -19.42 -5.53
N VAL B 75 12.23 -18.97 -5.76
CA VAL B 75 13.30 -19.15 -4.75
C VAL B 75 13.15 -18.24 -3.50
N ARG B 76 12.69 -17.00 -3.71
CA ARG B 76 12.53 -16.00 -2.68
C ARG B 76 11.45 -15.05 -3.14
N GLY B 77 10.87 -14.32 -2.20
CA GLY B 77 9.68 -13.47 -2.47
C GLY B 77 9.71 -12.02 -1.98
N GLY B 78 10.86 -11.37 -2.04
CA GLY B 78 10.91 -9.92 -1.87
C GLY B 78 10.30 -9.21 -3.08
N TYR B 79 10.17 -7.90 -2.98
CA TYR B 79 9.51 -7.10 -3.99
C TYR B 79 10.19 -7.22 -5.36
N GLY B 80 9.36 -7.31 -6.39
CA GLY B 80 9.80 -7.16 -7.78
C GLY B 80 9.15 -8.02 -8.87
N ALA B 81 8.32 -8.98 -8.51
CA ALA B 81 7.72 -9.81 -9.54
C ALA B 81 6.72 -9.05 -10.41
N ASN B 82 6.20 -7.92 -9.90
CA ASN B 82 5.23 -7.12 -10.69
C ASN B 82 5.83 -6.58 -11.98
N ARG B 83 7.17 -6.62 -12.06
CA ARG B 83 7.94 -6.07 -13.16
C ARG B 83 8.23 -7.13 -14.23
N ILE B 84 7.82 -8.38 -13.98
CA ILE B 84 7.85 -9.44 -15.00
C ILE B 84 6.46 -10.12 -15.29
N ALA B 85 5.49 -9.99 -14.39
CA ALA B 85 4.26 -10.81 -14.43
C ALA B 85 3.42 -10.53 -15.67
N GLU B 86 3.17 -9.26 -15.94
CA GLU B 86 2.30 -8.95 -17.07
C GLU B 86 2.93 -9.35 -18.39
N ASP B 87 4.22 -9.07 -18.54
CA ASP B 87 4.95 -9.41 -19.77
C ASP B 87 5.07 -10.92 -19.97
N ALA B 88 5.20 -11.68 -18.89
CA ALA B 88 5.35 -13.15 -18.93
C ALA B 88 4.11 -13.81 -19.62
N LEU B 89 2.93 -13.32 -19.25
CA LEU B 89 1.65 -13.90 -19.69
C LEU B 89 1.55 -14.10 -21.19
N ALA B 90 1.97 -13.11 -21.98
CA ALA B 90 1.83 -13.19 -23.44
C ALA B 90 2.88 -14.09 -24.09
N ARG B 91 3.87 -14.52 -23.32
CA ARG B 91 4.97 -15.32 -23.82
C ARG B 91 5.01 -16.76 -23.25
N LEU B 92 3.96 -17.14 -22.52
CA LEU B 92 3.89 -18.47 -21.94
C LEU B 92 3.45 -19.44 -22.99
N GLY B 93 4.18 -20.54 -23.11
CA GLY B 93 3.87 -21.55 -24.13
C GLY B 93 3.02 -22.71 -23.61
N ARG B 94 2.86 -23.72 -24.44
CA ARG B 94 2.03 -24.87 -24.12
C ARG B 94 2.47 -25.57 -22.82
N ALA B 95 3.77 -25.71 -22.60
CA ALA B 95 4.34 -26.40 -21.43
C ALA B 95 4.05 -25.69 -20.11
N ALA B 96 3.91 -24.37 -20.14
CA ALA B 96 3.61 -23.61 -18.94
C ALA B 96 2.34 -24.03 -18.27
N SER B 97 1.36 -24.49 -19.04
CA SER B 97 0.07 -24.94 -18.48
C SER B 97 0.06 -26.34 -17.86
N ALA B 98 1.14 -27.10 -18.07
CA ALA B 98 1.30 -28.45 -17.54
C ALA B 98 2.13 -28.42 -16.26
N LYS B 99 2.20 -27.28 -15.58
CA LYS B 99 3.05 -27.12 -14.40
C LYS B 99 2.27 -26.61 -13.20
N GLN B 100 2.87 -26.83 -12.02
CA GLN B 100 2.53 -26.15 -10.76
C GLN B 100 3.55 -25.03 -10.54
N TYR B 101 3.07 -23.94 -9.94
CA TYR B 101 3.86 -22.76 -9.58
C TYR B 101 3.66 -22.54 -8.10
N LEU B 102 4.77 -22.42 -7.36
CA LEU B 102 4.71 -22.49 -5.89
C LEU B 102 5.62 -21.46 -5.25
N GLY B 103 5.08 -20.72 -4.29
CA GLY B 103 5.82 -19.72 -3.58
C GLY B 103 4.89 -18.98 -2.66
N TYR B 104 5.37 -17.93 -2.01
CA TYR B 104 4.53 -17.05 -1.20
C TYR B 104 5.11 -15.64 -1.20
N SER B 105 4.54 -14.74 -0.40
CA SER B 105 4.97 -13.35 -0.37
C SER B 105 4.84 -12.68 -1.75
N ASP B 106 5.86 -11.93 -2.19
CA ASP B 106 5.77 -11.24 -3.49
C ASP B 106 5.56 -12.20 -4.66
N ALA B 107 6.00 -13.46 -4.55
CA ALA B 107 5.78 -14.42 -5.62
C ALA B 107 4.27 -14.65 -5.85
N GLY B 108 3.46 -14.31 -4.86
CA GLY B 108 2.00 -14.28 -5.02
C GLY B 108 1.50 -13.46 -6.17
N THR B 109 2.27 -12.46 -6.56
CA THR B 109 2.00 -11.70 -7.79
C THR B 109 1.85 -12.65 -8.99
N LEU B 110 2.81 -13.57 -9.15
CA LEU B 110 2.76 -14.57 -10.22
C LEU B 110 1.69 -15.64 -10.00
N LEU B 111 1.51 -16.09 -8.75
CA LEU B 111 0.45 -17.03 -8.41
C LEU B 111 -0.91 -16.46 -8.83
N ALA B 112 -1.12 -15.15 -8.58
CA ALA B 112 -2.36 -14.47 -8.95
C ALA B 112 -2.54 -14.42 -10.45
N ALA B 113 -1.52 -13.93 -11.12
CA ALA B 113 -1.54 -13.70 -12.59
C ALA B 113 -1.85 -15.01 -13.32
N LEU B 114 -1.16 -16.08 -12.96
CA LEU B 114 -1.33 -17.40 -13.62
C LEU B 114 -2.72 -17.95 -13.35
N TYR B 115 -3.18 -17.81 -12.12
CA TYR B 115 -4.51 -18.28 -11.71
C TYR B 115 -5.63 -17.46 -12.39
N ALA B 116 -5.43 -16.16 -12.50
CA ALA B 116 -6.37 -15.28 -13.26
C ALA B 116 -6.59 -15.76 -14.70
N HIS B 117 -5.54 -16.34 -15.29
CA HIS B 117 -5.58 -16.89 -16.65
C HIS B 117 -5.67 -18.42 -16.75
N ARG B 118 -5.89 -19.09 -15.62
CA ARG B 118 -5.95 -20.56 -15.53
C ARG B 118 -4.75 -21.24 -16.20
N ILE B 119 -3.56 -20.72 -15.94
CA ILE B 119 -2.35 -21.36 -16.45
C ILE B 119 -1.73 -22.29 -15.41
N GLY B 120 -1.91 -23.60 -15.63
CA GLY B 120 -1.33 -24.61 -14.72
C GLY B 120 -2.03 -24.58 -13.36
N ARG B 121 -1.26 -24.65 -12.28
CA ARG B 121 -1.81 -24.61 -10.93
C ARG B 121 -0.93 -23.74 -10.10
N SER B 122 -1.55 -22.83 -9.33
CA SER B 122 -0.86 -21.90 -8.46
C SER B 122 -1.01 -22.39 -7.03
N VAL B 123 0.11 -22.41 -6.30
CA VAL B 123 0.14 -22.99 -4.96
C VAL B 123 0.94 -22.10 -4.01
N HIS B 124 0.27 -21.57 -2.98
CA HIS B 124 0.98 -20.93 -1.86
C HIS B 124 1.74 -22.00 -1.05
N ALA B 125 3.04 -21.83 -0.84
CA ALA B 125 3.85 -22.89 -0.23
C ALA B 125 5.16 -22.30 0.18
N PRO B 126 5.78 -22.85 1.20
CA PRO B 126 7.18 -22.47 1.58
C PRO B 126 8.15 -22.45 0.40
N MSE B 127 9.19 -21.60 0.48
CA MSE B 127 10.11 -21.40 -0.64
C MSE B 127 11.50 -21.84 -0.16
O MSE B 127 11.70 -21.97 1.03
CB MSE B 127 10.16 -19.93 -1.02
CG MSE B 127 8.94 -19.45 -1.80
SE MSE B 127 8.99 -17.61 -2.28
CE MSE B 127 8.91 -16.84 -0.52
N PRO B 128 12.43 -22.10 -1.10
CA PRO B 128 13.77 -22.46 -0.71
C PRO B 128 14.39 -21.50 0.29
N VAL B 129 14.07 -20.20 0.20
CA VAL B 129 14.65 -19.21 1.14
C VAL B 129 14.30 -19.54 2.60
N ASP B 130 13.20 -20.26 2.83
CA ASP B 130 12.83 -20.68 4.19
C ASP B 130 13.90 -21.52 4.94
N ILE B 131 14.85 -22.13 4.20
CA ILE B 131 15.95 -22.91 4.77
C ILE B 131 16.83 -22.07 5.70
N ARG B 132 16.79 -20.75 5.52
CA ARG B 132 17.58 -19.83 6.36
C ARG B 132 16.94 -19.63 7.71
N ARG B 133 15.67 -19.98 7.89
CA ARG B 133 15.02 -19.85 9.19
C ARG B 133 15.52 -20.89 10.20
N PRO B 134 15.42 -20.57 11.50
CA PRO B 134 15.61 -21.66 12.45
C PRO B 134 14.52 -22.72 12.20
N GLU B 135 14.91 -23.99 12.25
CA GLU B 135 14.04 -25.10 11.92
C GLU B 135 13.53 -25.01 10.51
N GLY B 136 14.28 -24.33 9.65
CA GLY B 136 13.84 -24.06 8.29
C GLY B 136 13.64 -25.30 7.44
N GLU B 137 14.37 -26.37 7.73
CA GLU B 137 14.14 -27.64 7.02
C GLU B 137 12.67 -28.08 7.10
N SER B 138 11.96 -27.76 8.19
CA SER B 138 10.57 -28.20 8.32
C SER B 138 9.62 -27.52 7.35
N ALA B 139 9.92 -26.28 7.02
CA ALA B 139 9.19 -25.55 5.99
C ALA B 139 9.44 -26.11 4.62
N VAL B 140 10.72 -26.23 4.29
CA VAL B 140 11.14 -26.64 2.97
C VAL B 140 10.72 -28.10 2.69
N ARG B 141 10.90 -28.94 3.69
CA ARG B 141 10.39 -30.31 3.66
C ARG B 141 8.89 -30.43 3.39
N ARG B 142 8.09 -29.47 3.85
CA ARG B 142 6.62 -29.47 3.56
C ARG B 142 6.37 -29.34 2.09
N THR B 143 7.07 -28.40 1.44
CA THR B 143 6.87 -28.20 0.01
C THR B 143 7.40 -29.39 -0.80
N LEU B 144 8.60 -29.86 -0.46
CA LEU B 144 9.17 -31.02 -1.10
C LEU B 144 8.25 -32.21 -1.01
N GLY B 145 7.64 -32.44 0.15
CA GLY B 145 6.71 -33.52 0.34
C GLY B 145 5.50 -33.36 -0.55
N TRP B 146 4.97 -32.13 -0.62
CA TRP B 146 3.85 -31.84 -1.54
C TRP B 146 4.17 -32.17 -3.03
N LEU B 147 5.35 -31.77 -3.46
CA LEU B 147 5.87 -32.07 -4.79
C LEU B 147 6.08 -33.57 -5.00
N ALA B 148 6.46 -34.27 -3.94
CA ALA B 148 6.61 -35.73 -4.00
C ALA B 148 5.24 -36.43 -3.97
N GLY B 149 4.16 -35.71 -3.74
CA GLY B 149 2.83 -36.28 -3.66
C GLY B 149 2.11 -36.33 -2.33
N ALA B 150 2.71 -35.85 -1.24
CA ALA B 150 2.02 -35.84 0.06
C ALA B 150 1.04 -34.66 0.17
N ARG B 151 -0.02 -34.87 0.95
CA ARG B 151 -1.03 -33.85 1.13
C ARG B 151 -1.20 -33.39 2.57
N GLU B 152 -0.43 -33.96 3.50
CA GLU B 152 -0.51 -33.55 4.90
C GLU B 152 -0.16 -32.07 5.12
N GLY B 153 0.58 -31.47 4.20
CA GLY B 153 0.95 -30.06 4.32
C GLY B 153 -0.15 -29.06 4.01
N LEU B 154 -1.28 -29.53 3.49
CA LEU B 154 -2.43 -28.70 3.21
C LEU B 154 -2.93 -27.93 4.45
N GLU B 155 -3.27 -26.67 4.23
CA GLU B 155 -3.85 -25.86 5.27
C GLU B 155 -5.11 -26.56 5.77
N PRO B 156 -5.24 -26.71 7.11
CA PRO B 156 -6.26 -27.62 7.66
C PRO B 156 -7.73 -27.29 7.43
N THR B 157 -8.04 -26.07 7.02
CA THR B 157 -9.43 -25.71 6.71
C THR B 157 -9.81 -26.01 5.26
N LEU B 158 -8.89 -26.48 4.44
CA LEU B 158 -9.20 -26.67 3.02
C LEU B 158 -9.96 -27.98 2.83
N GLY B 159 -10.94 -27.96 1.95
CA GLY B 159 -11.70 -29.18 1.61
C GLY B 159 -12.96 -28.88 0.81
N ALA B 162 -15.58 -24.49 -0.52
CA ALA B 162 -15.15 -23.20 -1.13
C ALA B 162 -13.69 -23.22 -1.63
N PRO B 163 -13.43 -22.69 -2.86
CA PRO B 163 -12.06 -22.51 -3.33
C PRO B 163 -11.36 -21.47 -2.48
N ALA B 164 -10.05 -21.57 -2.38
CA ALA B 164 -9.26 -20.65 -1.58
C ALA B 164 -8.10 -20.01 -2.35
N VAL B 165 -7.68 -18.85 -1.85
CA VAL B 165 -6.39 -18.25 -2.22
C VAL B 165 -5.71 -17.86 -0.93
N ALA B 166 -4.39 -17.64 -1.00
CA ALA B 166 -3.63 -17.22 0.15
C ALA B 166 -2.64 -16.19 -0.40
N PHE B 167 -2.57 -15.04 0.27
CA PHE B 167 -1.77 -13.90 -0.14
C PHE B 167 -1.07 -13.22 1.01
N ASN B 168 0.13 -12.73 0.77
CA ASN B 168 0.67 -11.69 1.64
C ASN B 168 -0.25 -10.47 1.48
N LEU B 169 -0.54 -9.80 2.59
CA LEU B 169 -1.53 -8.72 2.61
C LEU B 169 -1.11 -7.53 1.73
N MSE B 170 0.15 -7.15 1.84
CA MSE B 170 0.67 -6.05 1.03
CA MSE B 170 0.71 -6.06 1.04
C MSE B 170 0.65 -6.37 -0.46
O MSE B 170 0.31 -5.50 -1.29
CB MSE B 170 2.08 -5.71 1.48
CB MSE B 170 2.16 -5.78 1.47
CG MSE B 170 2.77 -4.70 0.63
CG MSE B 170 2.93 -4.84 0.58
SE MSE B 170 4.32 -4.07 1.54
SE MSE B 170 2.18 -3.06 0.59
CE MSE B 170 3.53 -2.53 2.17
CE MSE B 170 2.89 -2.55 2.25
N THR B 171 1.01 -7.62 -0.80
CA THR B 171 0.94 -8.12 -2.18
C THR B 171 -0.49 -8.04 -2.70
N LEU B 172 -1.44 -8.53 -1.92
CA LEU B 172 -2.85 -8.42 -2.28
C LEU B 172 -3.35 -6.98 -2.45
N ALA B 173 -3.02 -6.10 -1.51
CA ALA B 173 -3.35 -4.67 -1.59
C ALA B 173 -2.80 -4.10 -2.93
N MSE B 174 -1.52 -4.40 -3.23
CA MSE B 174 -0.90 -3.98 -4.51
C MSE B 174 -1.61 -4.48 -5.78
O MSE B 174 -1.68 -3.77 -6.79
CB MSE B 174 0.55 -4.45 -4.55
CG MSE B 174 1.35 -4.00 -5.76
SE MSE B 174 3.01 -5.05 -6.03
CE MSE B 174 2.10 -6.80 -6.64
N LEU B 175 -2.10 -5.71 -5.73
CA LEU B 175 -2.84 -6.35 -6.85
C LEU B 175 -4.28 -5.88 -7.05
N CYS B 176 -4.94 -5.44 -5.97
CA CYS B 176 -6.30 -4.82 -6.04
C CYS B 176 -6.35 -3.70 -7.03
N GLY B 177 -7.31 -3.79 -7.95
CA GLY B 177 -7.51 -2.79 -8.99
C GLY B 177 -6.67 -3.02 -10.22
N THR B 178 -5.84 -4.07 -10.23
CA THR B 178 -4.99 -4.38 -11.36
C THR B 178 -5.52 -5.58 -12.09
N ARG B 179 -5.12 -5.71 -13.35
CA ARG B 179 -5.56 -6.81 -14.19
C ARG B 179 -4.98 -8.17 -13.83
N LEU B 180 -4.06 -8.20 -12.87
CA LEU B 180 -3.39 -9.42 -12.41
C LEU B 180 -4.14 -10.24 -11.36
N LEU B 181 -5.14 -9.64 -10.73
CA LEU B 181 -5.91 -10.25 -9.65
C LEU B 181 -6.97 -11.16 -10.25
N PRO B 182 -7.11 -12.40 -9.74
CA PRO B 182 -8.17 -13.25 -10.21
C PRO B 182 -9.54 -12.78 -9.75
N ASP B 183 -10.57 -13.29 -10.39
CA ASP B 183 -11.92 -13.16 -9.87
C ASP B 183 -12.00 -14.02 -8.58
N LEU B 184 -12.25 -13.36 -7.46
CA LEU B 184 -12.17 -14.00 -6.16
C LEU B 184 -13.59 -14.26 -5.66
N SER B 185 -14.55 -14.10 -6.54
CA SER B 185 -15.92 -14.40 -6.22
C SER B 185 -16.05 -15.83 -5.69
N GLY B 186 -16.79 -16.02 -4.61
CA GLY B 186 -16.93 -17.31 -3.97
C GLY B 186 -15.68 -17.96 -3.37
N HIS B 187 -14.58 -17.22 -3.25
CA HIS B 187 -13.37 -17.74 -2.63
C HIS B 187 -13.23 -17.34 -1.16
N VAL B 188 -12.60 -18.22 -0.37
CA VAL B 188 -12.01 -17.84 0.89
C VAL B 188 -10.65 -17.16 0.62
N VAL B 189 -10.44 -15.96 1.15
CA VAL B 189 -9.16 -15.26 0.98
C VAL B 189 -8.39 -15.26 2.29
N MSE B 190 -7.24 -15.94 2.27
CA MSE B 190 -6.41 -16.05 3.47
C MSE B 190 -5.31 -15.02 3.38
O MSE B 190 -4.76 -14.87 2.30
CB MSE B 190 -5.81 -17.45 3.58
CG MSE B 190 -6.85 -18.53 3.53
SE MSE B 190 -6.03 -20.26 3.78
CE MSE B 190 -7.62 -21.27 3.91
N ILE B 191 -5.00 -14.31 4.46
CA ILE B 191 -3.92 -13.29 4.44
C ILE B 191 -2.89 -13.49 5.54
N GLU B 192 -1.67 -12.99 5.32
CA GLU B 192 -0.58 -12.94 6.34
C GLU B 192 0.26 -11.71 6.08
N GLU B 193 1.07 -11.31 7.05
CA GLU B 193 1.94 -10.17 6.85
C GLU B 193 3.17 -10.27 7.73
N VAL B 194 4.21 -9.58 7.31
CA VAL B 194 5.48 -9.57 7.99
C VAL B 194 6.08 -8.16 7.99
N ALA B 195 6.64 -7.74 9.12
CA ALA B 195 7.52 -6.54 9.17
C ALA B 195 6.81 -5.22 8.87
N GLU B 196 5.49 -5.18 9.07
CA GLU B 196 4.71 -3.96 8.90
C GLU B 196 4.23 -3.43 10.24
N HIS B 197 4.21 -2.11 10.36
CA HIS B 197 3.67 -1.43 11.55
C HIS B 197 2.22 -1.79 11.68
N HIS B 198 1.71 -1.79 12.90
CA HIS B 198 0.26 -1.98 13.13
C HIS B 198 -0.59 -0.99 12.31
N TYR B 199 -0.18 0.26 12.23
CA TYR B 199 -0.96 1.24 11.44
C TYR B 199 -0.96 0.91 9.97
N ALA B 200 0.15 0.33 9.51
CA ALA B 200 0.29 -0.14 8.13
C ALA B 200 -0.61 -1.33 7.82
N VAL B 201 -0.71 -2.30 8.74
CA VAL B 201 -1.61 -3.41 8.62
C VAL B 201 -3.03 -2.92 8.55
N ASP B 202 -3.40 -1.95 9.42
CA ASP B 202 -4.72 -1.35 9.34
C ASP B 202 -5.01 -0.73 7.97
N ARG B 203 -4.04 -0.01 7.42
CA ARG B 203 -4.19 0.68 6.11
C ARG B 203 -4.47 -0.32 4.99
N LEU B 204 -3.72 -1.39 5.03
CA LEU B 204 -3.83 -2.44 4.01
C LEU B 204 -5.16 -3.16 4.10
N LEU B 205 -5.57 -3.47 5.33
CA LEU B 205 -6.87 -4.11 5.57
C LEU B 205 -8.04 -3.22 5.14
N PHE B 206 -7.98 -1.93 5.45
CA PHE B 206 -8.98 -0.98 4.90
C PHE B 206 -9.06 -1.03 3.39
N HIS B 207 -7.92 -0.97 2.73
CA HIS B 207 -7.86 -0.98 1.28
C HIS B 207 -8.39 -2.29 0.71
N VAL B 208 -7.86 -3.42 1.21
CA VAL B 208 -8.26 -4.71 0.61
C VAL B 208 -9.76 -4.99 0.79
N THR B 209 -10.30 -4.79 2.01
CA THR B 209 -11.70 -5.04 2.28
C THR B 209 -12.59 -4.09 1.47
N SER B 210 -12.16 -2.83 1.32
CA SER B 210 -12.89 -1.84 0.54
C SER B 210 -12.91 -2.29 -0.91
N CYS B 211 -11.77 -2.76 -1.42
CA CYS B 211 -11.70 -3.21 -2.82
C CYS B 211 -12.45 -4.50 -3.08
N LEU B 212 -12.38 -5.45 -2.15
CA LEU B 212 -13.17 -6.71 -2.25
C LEU B 212 -14.64 -6.67 -1.81
N ALA B 213 -15.12 -5.53 -1.31
CA ALA B 213 -16.48 -5.44 -0.78
C ALA B 213 -17.52 -5.90 -1.79
N ASP B 214 -17.32 -5.53 -3.05
CA ASP B 214 -18.30 -5.84 -4.10
C ASP B 214 -17.96 -7.09 -4.94
N ALA B 215 -16.93 -7.80 -4.51
CA ALA B 215 -16.37 -8.96 -5.24
C ALA B 215 -17.11 -10.28 -4.94
N GLY B 216 -17.97 -10.30 -3.94
CA GLY B 216 -18.70 -11.50 -3.57
C GLY B 216 -17.82 -12.63 -3.05
N ILE B 217 -16.82 -12.31 -2.25
CA ILE B 217 -15.92 -13.36 -1.77
C ILE B 217 -16.67 -14.18 -0.71
N ALA B 218 -16.24 -15.42 -0.50
CA ALA B 218 -16.90 -16.27 0.52
C ALA B 218 -16.54 -15.71 1.92
N GLY B 219 -15.33 -15.15 2.07
CA GLY B 219 -14.96 -14.60 3.35
C GLY B 219 -13.48 -14.47 3.42
N LEU B 220 -13.00 -13.86 4.51
CA LEU B 220 -11.60 -13.67 4.81
C LEU B 220 -11.13 -14.58 5.95
N ARG B 221 -9.89 -15.08 5.86
CA ARG B 221 -9.20 -15.76 6.98
C ARG B 221 -7.87 -15.08 7.32
N LEU B 222 -7.65 -14.89 8.61
CA LEU B 222 -6.52 -14.16 9.12
C LEU B 222 -5.42 -15.13 9.53
N GLY B 223 -4.35 -15.11 8.77
CA GLY B 223 -3.09 -15.77 9.11
C GLY B 223 -2.22 -14.91 10.00
N ARG B 224 -0.94 -15.23 10.04
CA ARG B 224 -0.06 -14.68 11.04
C ARG B 224 0.48 -13.34 10.56
N VAL B 225 0.48 -12.35 11.46
CA VAL B 225 1.05 -11.04 11.19
C VAL B 225 2.21 -10.91 12.15
N SER B 226 3.42 -10.80 11.63
CA SER B 226 4.64 -11.07 12.40
C SER B 226 5.71 -10.00 12.19
N ASP B 227 6.79 -10.11 12.95
CA ASP B 227 7.88 -9.11 12.95
CA ASP B 227 7.88 -9.13 12.92
C ASP B 227 7.39 -7.66 12.96
N VAL B 228 6.41 -7.37 13.81
CA VAL B 228 5.83 -6.03 13.90
C VAL B 228 6.82 -5.15 14.65
N PRO B 229 7.16 -3.97 14.08
CA PRO B 229 7.98 -2.97 14.78
C PRO B 229 7.53 -2.81 16.23
N GLU B 230 8.51 -2.78 17.13
CA GLU B 230 8.26 -2.85 18.57
C GLU B 230 8.21 -1.47 19.23
N ASN B 231 8.70 -0.43 18.56
CA ASN B 231 8.83 0.86 19.21
C ASN B 231 7.84 1.96 18.80
N ASP B 232 6.67 1.55 18.32
CA ASP B 232 5.58 2.47 18.01
C ASP B 232 4.74 2.75 19.22
N ARG B 233 4.04 3.89 19.19
CA ARG B 233 3.06 4.20 20.21
C ARG B 233 1.90 3.19 20.11
N PRO B 234 1.15 2.98 21.23
CA PRO B 234 0.02 2.07 21.19
C PRO B 234 -0.92 2.41 20.04
N PHE B 235 -1.24 1.45 19.20
CA PHE B 235 -2.11 1.66 18.06
C PHE B 235 -3.55 1.77 18.53
N GLY B 236 -4.02 0.85 19.36
CA GLY B 236 -5.34 0.96 19.97
C GLY B 236 -6.29 -0.20 19.71
N CYS B 237 -5.90 -1.09 18.81
CA CYS B 237 -6.55 -2.37 18.67
C CYS B 237 -5.67 -3.45 18.03
N SER B 238 -6.06 -4.70 18.24
CA SER B 238 -5.29 -5.86 17.78
C SER B 238 -5.51 -6.06 16.32
N VAL B 239 -4.62 -6.80 15.66
CA VAL B 239 -4.81 -7.13 14.23
C VAL B 239 -6.14 -7.87 13.99
N GLU B 240 -6.51 -8.79 14.87
CA GLU B 240 -7.82 -9.43 14.71
C GLU B 240 -8.99 -8.44 14.80
N GLU B 241 -8.90 -7.48 15.72
CA GLU B 241 -9.93 -6.44 15.85
C GLU B 241 -9.96 -5.57 14.58
N MSE B 242 -8.80 -5.19 14.06
CA MSE B 242 -8.77 -4.49 12.74
C MSE B 242 -9.49 -5.30 11.66
O MSE B 242 -10.32 -4.77 10.95
CB MSE B 242 -7.33 -4.22 12.28
CG MSE B 242 -6.49 -3.34 13.23
SE MSE B 242 -4.69 -3.39 12.55
CE MSE B 242 -3.64 -3.43 14.08
N ALA B 243 -9.19 -6.60 11.55
CA ALA B 243 -9.72 -7.40 10.44
C ALA B 243 -11.22 -7.55 10.56
N ARG B 244 -11.68 -7.79 11.78
CA ARG B 244 -13.10 -7.93 12.03
C ARG B 244 -13.83 -6.63 11.78
N HIS B 245 -13.23 -5.51 12.20
CA HIS B 245 -13.80 -4.17 11.96
C HIS B 245 -14.05 -3.88 10.46
N TRP B 246 -13.01 -4.03 9.66
CA TRP B 246 -13.05 -3.70 8.22
C TRP B 246 -13.94 -4.69 7.44
N CYS B 247 -13.89 -5.98 7.82
CA CYS B 247 -14.81 -6.96 7.26
C CYS B 247 -16.24 -6.57 7.54
N HIS B 248 -16.54 -6.18 8.78
CA HIS B 248 -17.89 -5.76 9.11
C HIS B 248 -18.30 -4.54 8.28
N ARG B 249 -17.42 -3.56 8.18
CA ARG B 249 -17.72 -2.37 7.37
C ARG B 249 -18.01 -2.74 5.91
N ALA B 250 -17.30 -3.72 5.38
CA ALA B 250 -17.38 -4.08 3.96
C ALA B 250 -18.45 -5.16 3.68
N GLY B 251 -19.08 -5.70 4.70
CA GLY B 251 -20.00 -6.82 4.57
C GLY B 251 -19.35 -8.11 4.16
N ILE B 252 -18.08 -8.29 4.49
CA ILE B 252 -17.31 -9.50 4.19
C ILE B 252 -17.35 -10.40 5.44
N ALA B 253 -17.61 -11.69 5.26
CA ALA B 253 -17.60 -12.67 6.34
C ALA B 253 -16.17 -12.85 6.87
N PHE B 254 -16.01 -12.70 8.18
CA PHE B 254 -14.75 -13.05 8.84
C PHE B 254 -14.89 -14.50 9.25
N LEU B 255 -14.10 -15.36 8.61
CA LEU B 255 -14.27 -16.82 8.74
C LEU B 255 -13.45 -17.47 9.85
N GLY B 256 -12.40 -16.80 10.29
CA GLY B 256 -11.56 -17.32 11.35
C GLY B 256 -10.13 -17.12 10.96
N THR B 257 -9.26 -18.01 11.44
CA THR B 257 -7.82 -17.89 11.21
C THR B 257 -7.33 -18.81 10.09
N ALA B 258 -6.10 -18.63 9.66
CA ALA B 258 -5.48 -19.50 8.69
C ALA B 258 -4.07 -19.80 9.14
N ASP B 259 -3.63 -21.01 8.84
CA ASP B 259 -2.28 -21.52 9.26
C ASP B 259 -1.29 -21.20 8.16
N ILE B 260 -1.13 -19.88 7.95
CA ILE B 260 -0.17 -19.31 7.00
C ILE B 260 0.58 -18.13 7.63
N GLY B 261 1.77 -17.89 7.13
CA GLY B 261 2.59 -16.83 7.66
C GLY B 261 4.02 -16.94 7.21
N HIS B 262 4.78 -15.89 7.52
CA HIS B 262 6.22 -15.84 7.28
C HIS B 262 6.97 -16.60 8.37
N ASP B 263 6.82 -17.93 8.33
CA ASP B 263 7.38 -18.80 9.37
C ASP B 263 7.47 -20.24 8.88
N VAL B 264 8.09 -21.10 9.68
CA VAL B 264 8.26 -22.51 9.30
C VAL B 264 6.97 -23.35 9.37
N ASP B 265 5.90 -22.83 9.96
CA ASP B 265 4.63 -23.57 10.06
C ASP B 265 3.66 -23.29 8.94
N ASN B 266 4.11 -22.47 8.02
CA ASN B 266 3.34 -22.01 6.85
C ASN B 266 2.81 -23.18 6.01
N ARG B 267 1.50 -23.33 5.95
CA ARG B 267 0.88 -24.45 5.26
C ARG B 267 0.60 -24.19 3.78
N ILE B 268 0.26 -25.25 3.06
CA ILE B 268 0.09 -25.20 1.61
C ILE B 268 -1.36 -24.89 1.26
N VAL B 269 -1.53 -23.92 0.36
CA VAL B 269 -2.85 -23.51 -0.14
C VAL B 269 -2.86 -23.45 -1.67
N PRO B 270 -3.34 -24.52 -2.31
CA PRO B 270 -3.52 -24.44 -3.75
C PRO B 270 -4.64 -23.45 -4.09
N PHE B 271 -4.43 -22.60 -5.11
CA PHE B 271 -5.40 -21.60 -5.51
C PHE B 271 -6.48 -22.33 -6.25
N GLY B 272 -7.72 -22.08 -5.80
CA GLY B 272 -8.89 -22.78 -6.24
C GLY B 272 -9.22 -23.90 -5.26
S SO4 C . 4.69 2.92 6.44
O1 SO4 C . 5.72 3.18 7.45
O2 SO4 C . 3.78 4.06 6.40
O3 SO4 C . 5.36 2.75 5.13
O4 SO4 C . 3.91 1.72 6.76
S SO4 D . 7.81 -2.06 3.01
O1 SO4 D . 7.78 -0.85 2.18
O2 SO4 D . 6.63 -2.08 3.88
O3 SO4 D . 7.82 -3.26 2.17
O4 SO4 D . 9.04 -2.04 3.82
S SO4 E . 4.44 13.90 11.36
O1 SO4 E . 4.61 15.11 12.12
O2 SO4 E . 3.02 13.78 10.98
O3 SO4 E . 5.30 13.94 10.19
O4 SO4 E . 4.81 12.80 12.19
S SO4 F . 2.19 9.81 23.61
O1 SO4 F . 2.65 10.33 24.88
O2 SO4 F . 0.82 10.26 23.41
O3 SO4 F . 3.00 10.41 22.57
O4 SO4 F . 2.30 8.34 23.54
S SO4 G . 17.32 -4.41 -0.31
O1 SO4 G . 18.15 -3.38 0.30
O2 SO4 G . 16.60 -3.78 -1.43
O3 SO4 G . 18.09 -5.54 -0.84
O4 SO4 G . 16.31 -4.89 0.62
S SO4 H . 7.38 12.84 -21.88
O1 SO4 H . 7.03 14.08 -21.26
O2 SO4 H . 7.00 12.87 -23.26
O3 SO4 H . 8.84 12.71 -21.80
O4 SO4 H . 6.70 11.76 -21.16
S SO4 I . -14.79 27.69 -4.78
O1 SO4 I . -14.82 28.93 -4.01
O2 SO4 I . -16.14 27.29 -5.16
O3 SO4 I . -14.01 27.91 -5.97
O4 SO4 I . -14.22 26.64 -3.96
S SO4 J . -12.16 32.79 -0.17
O1 SO4 J . -11.27 33.89 0.25
O2 SO4 J . -13.54 33.04 0.25
O3 SO4 J . -12.11 32.71 -1.62
O4 SO4 J . -11.72 31.54 0.44
S SO4 K . -1.07 37.59 -3.80
O1 SO4 K . -1.33 38.85 -3.11
O2 SO4 K . -2.39 37.08 -4.23
O3 SO4 K . -0.25 37.78 -4.98
O4 SO4 K . -0.34 36.73 -2.84
S SO4 L . -28.17 21.36 8.56
O1 SO4 L . -27.16 21.92 9.47
O2 SO4 L . -29.51 21.73 9.01
O3 SO4 L . -28.02 21.91 7.22
O4 SO4 L . -28.08 19.90 8.47
S SO4 M . -10.19 42.86 3.26
O1 SO4 M . -9.53 42.75 4.57
O2 SO4 M . -11.47 43.55 3.43
O3 SO4 M . -9.29 43.64 2.37
O4 SO4 M . -10.44 41.54 2.65
S SO4 N . 7.32 30.57 -7.97
O1 SO4 N . 8.16 31.74 -7.74
O2 SO4 N . 5.92 30.98 -7.91
O3 SO4 N . 7.60 29.96 -9.29
O4 SO4 N . 7.75 29.63 -6.93
C1 GOL O . -9.95 36.90 3.30
O1 GOL O . -9.75 37.84 2.27
C2 GOL O . -10.24 37.63 4.59
O2 GOL O . -9.92 39.03 4.55
C3 GOL O . -9.56 36.95 5.76
O3 GOL O . -9.31 37.89 6.79
C1 GOL P . -16.43 15.90 -7.90
O1 GOL P . -16.07 17.24 -8.16
C2 GOL P . -15.24 14.97 -8.09
O2 GOL P . -15.67 13.63 -8.28
C3 GOL P . -14.35 15.44 -9.24
O3 GOL P . -14.79 14.93 -10.48
C1 GOL Q . -5.69 17.94 28.40
O1 GOL Q . -4.86 18.86 29.06
C2 GOL Q . -4.87 16.86 27.73
O2 GOL Q . -3.89 17.39 26.87
C3 GOL Q . -5.80 15.96 26.93
O3 GOL Q . -5.28 14.66 26.99
C1 GOL R . 18.31 2.57 -2.49
O1 GOL R . 17.97 2.79 -3.84
C2 GOL R . 18.69 3.91 -1.82
O2 GOL R . 17.53 4.61 -1.40
C3 GOL R . 19.63 3.69 -0.63
O3 GOL R . 18.97 3.20 0.51
C1 GOL S . 15.21 14.83 0.75
O1 GOL S . 14.90 15.57 1.91
C2 GOL S . 16.02 13.64 1.24
O2 GOL S . 15.40 13.35 2.46
C3 GOL S . 16.05 12.50 0.20
O3 GOL S . 15.85 11.19 0.72
O1 UNL T . -2.88 1.22 0.70
O2 UNL T . -2.63 0.26 -0.85
O3 UNL T . -0.12 -0.58 -0.81
O4 UNL T . 1.74 -0.17 0.46
O5 UNL T . -0.87 0.75 0.17
O6 UNL T . -1.46 -0.79 -2.28
S SO4 U . 3.42 6.17 16.05
O1 SO4 U . 3.00 7.33 16.81
O2 SO4 U . 2.21 5.45 15.65
O3 SO4 U . 4.01 6.57 14.79
O4 SO4 U . 4.38 5.41 16.82
S SO4 V . 13.48 -12.31 2.58
O1 SO4 V . 14.58 -11.48 2.99
O2 SO4 V . 12.84 -11.84 1.36
O3 SO4 V . 14.07 -13.61 2.31
O4 SO4 V . 12.49 -12.40 3.63
S SO4 W . -0.03 -37.78 3.00
O1 SO4 W . 0.90 -36.69 3.33
O2 SO4 W . -0.88 -37.57 1.82
O3 SO4 W . 0.78 -38.98 2.78
O4 SO4 W . -0.88 -37.94 4.17
S SO4 X . -3.40 -30.31 11.26
O1 SO4 X . -2.39 -29.28 11.39
O2 SO4 X . -4.70 -29.77 11.65
O3 SO4 X . -3.49 -30.86 9.90
O4 SO4 X . -2.98 -31.38 12.17
S SO4 Y . 9.67 -15.68 -26.75
O1 SO4 Y . 10.83 -15.85 -25.86
O2 SO4 Y . 8.72 -14.65 -26.31
O3 SO4 Y . 10.14 -15.26 -28.08
O4 SO4 Y . 8.99 -16.97 -26.83
C1 GOL Z . 2.12 -0.76 18.59
O1 GOL Z . 0.87 -1.28 18.13
C2 GOL Z . 3.00 -1.94 18.89
O2 GOL Z . 3.20 -2.68 17.71
C3 GOL Z . 4.34 -1.48 19.42
O3 GOL Z . 5.24 -1.11 18.38
C1 GOL AA . -16.76 -1.02 1.96
O1 GOL AA . -18.10 -1.07 1.50
C2 GOL AA . -16.63 -0.19 3.23
O2 GOL AA . -17.24 1.08 3.08
C3 GOL AA . -15.17 0.02 3.55
O3 GOL AA . -15.01 0.28 4.93
C1 GOL BA . 5.72 -9.45 15.89
O1 GOL BA . 4.46 -9.64 16.43
C2 GOL BA . 6.70 -10.60 16.10
O2 GOL BA . 7.45 -10.47 17.28
C3 GOL BA . 6.04 -11.95 16.00
O3 GOL BA . 6.98 -12.73 15.34
#